data_2QJ9
#
_entry.id   2QJ9
#
_cell.length_a   105.961
_cell.length_b   105.961
_cell.length_c   96.789
_cell.angle_alpha   90.00
_cell.angle_beta   90.00
_cell.angle_gamma   120.00
#
_symmetry.space_group_name_H-M   'P 65'
#
loop_
_entity.id
_entity.type
_entity.pdbx_description
1 polymer 'Bone morphogenetic protein 2'
2 polymer 'Bone morphogenetic protein receptor type IA'
3 water water
#
loop_
_entity_poly.entity_id
_entity_poly.type
_entity_poly.pdbx_seq_one_letter_code
_entity_poly.pdbx_strand_id
1 'polypeptide(L)'
;MAQAKHKQRKRLKSSCKRHPLYVDFSDVGWNDWIVAPPGYHAFYCHGECPFPLADHLNSTNHAIVQTLVNSVNSKIPKAC
CVPTELSAISMLYLDENEKVVLKNYQDMVVEGCGCR
;
B,A
2 'polypeptide(L)'
;GSGAMAQNLDSMLHGTGMKSDSDQKKSENGVTLAPEDTLPFLKCYCSGHCPDDAINNTCITNGHCFAIIEEDDQGETTLA
SGCMKYEGSDFQCRDTPIPHQRRSIECCRTNLCNQYLQPTLPPVVIGPFFDGSIR
;
D,C
#
# COMPACT_ATOMS: atom_id res chain seq x y z
N SER A 14 15.84 -5.18 1.52
CA SER A 14 15.42 -4.68 2.86
C SER A 14 13.93 -4.45 3.04
N SER A 15 13.58 -4.05 4.26
CA SER A 15 12.21 -4.07 4.69
C SER A 15 11.55 -2.73 4.60
N CYS A 16 10.23 -2.73 4.54
CA CYS A 16 9.48 -1.49 4.54
C CYS A 16 10.07 -0.45 5.48
N LYS A 17 10.33 0.74 4.95
CA LYS A 17 10.67 1.92 5.75
C LYS A 17 10.51 3.18 4.89
N ARG A 18 10.58 4.32 5.56
CA ARG A 18 10.50 5.63 4.90
C ARG A 18 11.86 6.03 4.37
N HIS A 19 11.89 6.71 3.21
CA HIS A 19 13.13 7.19 2.62
C HIS A 19 13.01 8.69 2.32
N PRO A 20 14.15 9.40 2.27
CA PRO A 20 14.18 10.81 1.86
C PRO A 20 13.74 11.00 0.41
N LEU A 21 13.09 12.14 0.18
CA LEU A 21 12.68 12.51 -1.17
C LEU A 21 12.32 13.98 -1.11
N TYR A 22 13.07 14.79 -1.82
CA TYR A 22 12.84 16.20 -1.84
C TYR A 22 12.20 16.49 -3.16
N VAL A 23 11.08 17.19 -3.15
CA VAL A 23 10.49 17.52 -4.43
C VAL A 23 10.77 18.96 -4.76
N ASP A 24 11.56 19.20 -5.81
CA ASP A 24 11.88 20.57 -6.21
C ASP A 24 10.88 21.02 -7.24
N PHE A 25 10.19 22.13 -7.01
CA PHE A 25 9.10 22.44 -7.92
C PHE A 25 9.56 22.89 -9.31
N SER A 26 10.80 23.35 -9.45
CA SER A 26 11.35 23.62 -10.80
C SER A 26 11.60 22.32 -11.60
N ASP A 27 12.21 21.31 -10.97
CA ASP A 27 12.34 19.96 -11.55
C ASP A 27 11.05 19.37 -12.08
N VAL A 28 9.90 19.78 -11.55
CA VAL A 28 8.63 19.27 -12.09
C VAL A 28 7.94 20.34 -12.91
N GLY A 29 8.56 21.51 -12.95
CA GLY A 29 8.02 22.62 -13.73
C GLY A 29 6.78 23.23 -13.13
N TRP A 30 6.48 22.92 -11.87
CA TRP A 30 5.38 23.58 -11.18
C TRP A 30 5.86 24.92 -10.71
N ASN A 31 7.04 25.27 -11.18
CA ASN A 31 7.78 26.45 -10.81
C ASN A 31 7.09 27.78 -11.17
N ASP A 32 5.96 27.69 -11.86
CA ASP A 32 5.33 28.88 -12.41
C ASP A 32 3.84 28.96 -12.09
N TRP A 33 3.36 28.01 -11.28
CA TRP A 33 2.05 28.18 -10.66
C TRP A 33 2.14 28.23 -9.14
N ILE A 34 3.21 27.69 -8.59
CA ILE A 34 3.44 27.69 -7.13
C ILE A 34 4.46 28.76 -6.76
N VAL A 35 4.06 29.77 -5.99
CA VAL A 35 5.00 30.82 -5.66
C VAL A 35 5.91 30.49 -4.45
N ALA A 36 5.43 29.67 -3.52
CA ALA A 36 6.27 29.20 -2.41
C ALA A 36 5.63 27.99 -1.82
N PRO A 37 6.43 27.04 -1.31
CA PRO A 37 7.91 27.07 -1.30
C PRO A 37 8.50 26.62 -2.65
N PRO A 38 9.85 26.65 -2.78
CA PRO A 38 10.51 26.17 -3.99
C PRO A 38 10.45 24.66 -4.14
N GLY A 39 10.11 23.97 -3.05
CA GLY A 39 10.14 22.52 -3.03
C GLY A 39 9.90 22.10 -1.60
N TYR A 40 9.85 20.80 -1.32
CA TYR A 40 9.69 20.32 0.05
C TYR A 40 10.14 18.87 0.22
N HIS A 41 10.40 18.49 1.47
CA HIS A 41 10.68 17.08 1.75
C HIS A 41 9.41 16.28 1.83
N ALA A 42 9.20 15.47 0.79
CA ALA A 42 8.05 14.58 0.71
C ALA A 42 8.28 13.23 1.36
N PHE A 43 9.49 12.71 1.26
CA PHE A 43 9.77 11.34 1.67
C PHE A 43 8.95 10.34 0.84
N TYR A 44 9.28 9.04 0.97
CA TYR A 44 8.49 7.97 0.34
C TYR A 44 8.70 6.64 1.09
N CYS A 45 7.83 5.66 0.83
CA CYS A 45 7.87 4.35 1.51
C CYS A 45 8.31 3.28 0.53
N HIS A 46 9.15 2.35 0.99
CA HIS A 46 9.58 1.29 0.12
C HIS A 46 10.23 0.16 0.89
N GLY A 47 10.11 -1.05 0.37
CA GLY A 47 10.79 -2.18 0.98
C GLY A 47 9.87 -3.37 1.19
N GLU A 48 10.48 -4.48 1.57
CA GLU A 48 9.81 -5.76 1.78
C GLU A 48 8.84 -5.82 2.95
N CYS A 49 7.79 -6.60 2.76
CA CYS A 49 6.82 -6.91 3.80
C CYS A 49 6.90 -8.42 4.00
N PRO A 50 7.89 -8.88 4.80
CA PRO A 50 8.21 -10.30 4.98
C PRO A 50 7.33 -10.95 6.01
N PHE A 51 7.47 -12.26 6.15
CA PHE A 51 6.88 -12.93 7.25
C PHE A 51 7.97 -13.15 8.24
N PRO A 52 7.69 -12.81 9.50
CA PRO A 52 6.43 -12.17 9.94
C PRO A 52 6.55 -10.63 9.80
N LEU A 53 5.43 -9.95 9.91
CA LEU A 53 5.46 -8.47 9.99
C LEU A 53 5.73 -8.00 11.41
N ALA A 54 6.88 -7.34 11.61
CA ALA A 54 7.25 -6.80 12.93
C ALA A 54 6.34 -5.65 13.42
N ASP A 55 6.35 -5.40 14.73
CA ASP A 55 5.62 -4.30 15.34
C ASP A 55 5.68 -2.97 14.53
N HIS A 56 6.87 -2.43 14.30
CA HIS A 56 7.02 -1.11 13.69
C HIS A 56 6.55 -0.96 12.25
N LEU A 57 6.08 -2.04 11.64
CA LEU A 57 5.48 -1.98 10.27
C LEU A 57 3.96 -1.69 10.29
N ASN A 58 3.36 -1.55 11.47
CA ASN A 58 1.98 -1.09 11.54
C ASN A 58 1.08 -1.79 10.54
N SER A 59 1.00 -3.11 10.59
CA SER A 59 0.17 -3.80 9.61
C SER A 59 -1.26 -3.98 10.08
N THR A 60 -2.14 -4.19 9.14
CA THR A 60 -3.50 -4.49 9.48
C THR A 60 -3.60 -6.00 9.62
N ASN A 61 -4.69 -6.48 10.24
CA ASN A 61 -4.95 -7.90 10.21
C ASN A 61 -4.96 -8.38 8.76
N HIS A 62 -5.55 -7.61 7.86
CA HIS A 62 -5.68 -8.11 6.51
C HIS A 62 -4.31 -8.42 5.94
N ALA A 63 -3.35 -7.55 6.22
CA ALA A 63 -2.07 -7.63 5.56
C ALA A 63 -1.30 -8.77 6.20
N ILE A 64 -1.48 -8.95 7.51
CA ILE A 64 -0.86 -10.09 8.20
C ILE A 64 -1.40 -11.36 7.55
N VAL A 65 -2.71 -11.41 7.31
CA VAL A 65 -3.33 -12.59 6.71
C VAL A 65 -2.86 -12.81 5.27
N GLN A 66 -2.82 -11.74 4.49
CA GLN A 66 -2.38 -11.82 3.08
C GLN A 66 -0.90 -12.27 2.93
N THR A 67 -0.05 -11.88 3.87
CA THR A 67 1.34 -12.32 3.93
C THR A 67 1.44 -13.83 4.08
N LEU A 68 0.62 -14.37 4.98
CA LEU A 68 0.57 -15.78 5.23
C LEU A 68 0.05 -16.51 3.98
N VAL A 69 -1.04 -16.05 3.40
CA VAL A 69 -1.53 -16.64 2.14
C VAL A 69 -0.49 -16.56 1.01
N ASN A 70 0.17 -15.43 0.87
CA ASN A 70 1.25 -15.35 -0.12
C ASN A 70 2.31 -16.44 0.06
N SER A 71 2.65 -16.78 1.32
CA SER A 71 3.70 -17.79 1.57
C SER A 71 3.28 -19.19 1.14
N VAL A 72 1.99 -19.32 0.87
CA VAL A 72 1.38 -20.59 0.55
C VAL A 72 0.90 -20.60 -0.91
N ASN A 73 0.73 -19.41 -1.49
CA ASN A 73 0.15 -19.27 -2.82
C ASN A 73 0.62 -17.96 -3.39
N SER A 74 1.64 -18.04 -4.22
CA SER A 74 2.40 -16.86 -4.59
C SER A 74 1.70 -16.11 -5.71
N LYS A 75 0.57 -16.63 -6.17
CA LYS A 75 -0.30 -15.88 -7.06
C LYS A 75 -1.00 -14.75 -6.30
N ILE A 76 -0.89 -14.74 -4.97
CA ILE A 76 -1.44 -13.71 -4.16
C ILE A 76 -0.27 -12.81 -3.68
N PRO A 77 -0.33 -11.51 -4.03
CA PRO A 77 0.74 -10.57 -3.72
C PRO A 77 1.07 -10.45 -2.24
N LYS A 78 2.32 -10.09 -1.96
CA LYS A 78 2.68 -9.67 -0.62
C LYS A 78 2.01 -8.34 -0.33
N ALA A 79 1.90 -7.98 0.94
CA ALA A 79 1.43 -6.65 1.32
C ALA A 79 2.42 -5.62 0.77
N CYS A 80 2.02 -4.36 0.76
CA CYS A 80 2.83 -3.31 0.13
C CYS A 80 3.20 -2.25 1.16
N CYS A 81 4.43 -1.78 1.04
CA CYS A 81 4.97 -0.72 1.88
C CYS A 81 4.49 0.67 1.44
N VAL A 82 3.58 1.25 2.25
CA VAL A 82 2.93 2.52 1.92
C VAL A 82 2.87 3.48 3.12
N PRO A 83 2.57 4.76 2.87
CA PRO A 83 2.56 5.72 3.95
C PRO A 83 1.38 5.41 4.85
N THR A 84 1.61 5.32 6.16
CA THR A 84 0.53 5.05 7.10
C THR A 84 0.24 6.29 7.95
N GLU A 85 1.09 7.30 7.83
CA GLU A 85 0.77 8.60 8.40
C GLU A 85 1.40 9.69 7.55
N LEU A 86 0.60 10.74 7.31
CA LEU A 86 0.99 11.83 6.46
C LEU A 86 0.69 13.11 7.16
N SER A 87 1.28 14.21 6.67
CA SER A 87 0.96 15.55 7.16
C SER A 87 0.87 16.58 6.02
N ALA A 88 0.40 17.76 6.38
CA ALA A 88 0.03 18.79 5.46
C ALA A 88 1.18 19.75 5.28
N ILE A 89 1.09 20.57 4.24
CA ILE A 89 1.96 21.72 4.10
C ILE A 89 1.17 22.87 3.50
N SER A 90 1.52 24.10 3.84
CA SER A 90 0.93 25.23 3.17
C SER A 90 1.73 25.58 1.92
N MET A 91 1.01 26.00 0.88
CA MET A 91 1.63 26.51 -0.33
C MET A 91 0.90 27.74 -0.80
N LEU A 92 1.68 28.67 -1.34
CA LEU A 92 1.14 29.87 -1.95
C LEU A 92 1.20 29.59 -3.43
N TYR A 93 0.14 29.93 -4.15
CA TYR A 93 0.01 29.50 -5.53
C TYR A 93 -0.98 30.35 -6.32
N LEU A 94 -0.81 30.36 -7.64
CA LEU A 94 -1.73 31.01 -8.57
C LEU A 94 -2.82 30.04 -9.00
N ASP A 95 -4.04 30.54 -9.17
CA ASP A 95 -5.18 29.70 -9.56
C ASP A 95 -5.63 29.94 -11.00
N GLU A 96 -6.74 29.31 -11.39
CA GLU A 96 -7.37 29.60 -12.69
C GLU A 96 -7.54 31.11 -12.85
N ASN A 97 -8.29 31.72 -11.93
CA ASN A 97 -8.53 33.16 -11.93
C ASN A 97 -7.30 33.99 -11.54
N GLU A 98 -6.13 33.36 -11.68
CA GLU A 98 -4.80 33.96 -11.43
C GLU A 98 -4.64 34.63 -10.06
N LYS A 99 -5.34 34.12 -9.06
CA LYS A 99 -5.27 34.72 -7.74
C LYS A 99 -4.20 34.01 -6.92
N VAL A 100 -3.29 34.82 -6.38
CA VAL A 100 -2.17 34.33 -5.58
C VAL A 100 -2.67 33.96 -4.19
N VAL A 101 -3.19 32.74 -4.06
CA VAL A 101 -3.88 32.32 -2.85
C VAL A 101 -3.07 31.38 -1.97
N LEU A 102 -3.27 31.52 -0.66
CA LEU A 102 -2.69 30.62 0.31
C LEU A 102 -3.62 29.43 0.54
N LYS A 103 -3.07 28.23 0.41
CA LYS A 103 -3.87 27.05 0.57
C LYS A 103 -3.06 25.98 1.27
N ASN A 104 -3.71 25.30 2.21
CA ASN A 104 -3.08 24.23 2.94
C ASN A 104 -3.42 22.88 2.27
N TYR A 105 -2.43 22.03 2.09
CA TYR A 105 -2.55 20.83 1.28
C TYR A 105 -2.34 19.60 2.14
N GLN A 106 -3.36 18.75 2.24
CA GLN A 106 -3.29 17.56 3.09
C GLN A 106 -2.44 16.41 2.56
N ASP A 107 -1.98 15.55 3.45
CA ASP A 107 -1.42 14.30 3.02
C ASP A 107 -0.26 14.49 2.06
N MET A 108 0.60 15.48 2.35
CA MET A 108 1.67 15.85 1.42
C MET A 108 2.99 15.18 1.78
N VAL A 109 3.20 14.94 3.08
CA VAL A 109 4.48 14.48 3.65
C VAL A 109 4.33 13.16 4.37
N VAL A 110 5.26 12.23 4.13
CA VAL A 110 5.19 10.91 4.78
C VAL A 110 5.78 10.98 6.19
N GLU A 111 4.94 10.73 7.19
CA GLU A 111 5.37 10.79 8.58
C GLU A 111 5.83 9.41 9.03
N GLY A 112 5.22 8.36 8.47
CA GLY A 112 5.58 6.98 8.79
C GLY A 112 5.07 6.04 7.73
N CYS A 113 5.72 4.87 7.62
CA CYS A 113 5.38 3.84 6.62
C CYS A 113 4.88 2.55 7.27
N GLY A 114 4.10 1.74 6.55
CA GLY A 114 3.72 0.43 7.05
C GLY A 114 3.36 -0.49 5.92
N CYS A 115 3.05 -1.72 6.25
CA CYS A 115 2.75 -2.73 5.22
C CYS A 115 1.24 -2.94 5.29
N ARG A 116 0.57 -2.70 4.16
CA ARG A 116 -0.88 -2.72 4.11
C ARG A 116 -1.44 -3.63 3.02
N LYS B 13 -1.45 -3.89 -19.30
CA LYS B 13 -1.26 -3.74 -17.81
C LYS B 13 -2.46 -3.09 -17.10
N SER B 14 -3.18 -3.89 -16.31
CA SER B 14 -4.43 -3.45 -15.68
C SER B 14 -4.30 -2.65 -14.36
N SER B 15 -5.27 -1.77 -14.13
CA SER B 15 -5.24 -0.77 -13.06
C SER B 15 -5.65 -1.26 -11.66
N CYS B 16 -5.17 -0.53 -10.64
CA CYS B 16 -5.49 -0.83 -9.26
C CYS B 16 -6.98 -1.08 -8.99
N LYS B 17 -7.36 -2.31 -8.64
CA LYS B 17 -8.73 -2.60 -8.19
C LYS B 17 -8.74 -3.72 -7.15
N ARG B 18 -9.91 -4.01 -6.61
CA ARG B 18 -10.09 -5.07 -5.63
C ARG B 18 -10.31 -6.40 -6.34
N HIS B 19 -9.86 -7.47 -5.71
CA HIS B 19 -9.95 -8.78 -6.31
C HIS B 19 -10.44 -9.76 -5.26
N PRO B 20 -11.12 -10.83 -5.70
CA PRO B 20 -11.60 -11.89 -4.82
C PRO B 20 -10.47 -12.68 -4.21
N LEU B 21 -10.66 -12.99 -2.93
CA LEU B 21 -9.80 -13.95 -2.24
C LEU B 21 -10.58 -14.53 -1.09
N TYR B 22 -10.79 -15.83 -1.15
CA TYR B 22 -11.46 -16.51 -0.08
C TYR B 22 -10.43 -17.21 0.79
N VAL B 23 -10.39 -16.92 2.08
CA VAL B 23 -9.41 -17.59 2.92
C VAL B 23 -10.07 -18.77 3.62
N ASP B 24 -9.56 -19.97 3.36
CA ASP B 24 -10.20 -21.15 3.91
C ASP B 24 -9.28 -21.64 5.02
N PHE B 25 -9.77 -21.65 6.25
CA PHE B 25 -8.91 -21.86 7.43
C PHE B 25 -8.39 -23.27 7.48
N SER B 26 -9.23 -24.19 7.02
CA SER B 26 -8.79 -25.56 6.91
C SER B 26 -7.66 -25.72 5.88
N ASP B 27 -7.74 -25.02 4.75
CA ASP B 27 -6.64 -25.07 3.80
C ASP B 27 -5.35 -24.46 4.29
N VAL B 28 -5.39 -23.42 5.11
CA VAL B 28 -4.12 -22.88 5.67
C VAL B 28 -3.81 -23.48 7.02
N GLY B 29 -4.65 -24.41 7.45
CA GLY B 29 -4.37 -25.21 8.65
C GLY B 29 -4.60 -24.48 9.97
N TRP B 30 -5.63 -23.64 10.02
CA TRP B 30 -5.97 -22.91 11.23
C TRP B 30 -7.27 -23.42 11.79
N ASN B 31 -7.72 -24.54 11.24
CA ASN B 31 -9.01 -25.11 11.62
C ASN B 31 -8.89 -25.79 12.98
N ASP B 32 -7.68 -25.82 13.51
CA ASP B 32 -7.45 -26.42 14.81
C ASP B 32 -7.55 -25.37 15.90
N TRP B 33 -7.47 -24.08 15.58
CA TRP B 33 -7.63 -23.09 16.64
C TRP B 33 -8.78 -22.11 16.39
N ILE B 34 -9.33 -22.15 15.19
CA ILE B 34 -10.48 -21.32 14.84
C ILE B 34 -11.71 -22.19 14.70
N VAL B 35 -12.56 -22.18 15.71
CA VAL B 35 -13.74 -23.01 15.67
C VAL B 35 -14.80 -22.48 14.67
N ALA B 36 -14.84 -21.17 14.46
CA ALA B 36 -15.75 -20.59 13.48
C ALA B 36 -15.30 -19.17 13.15
N PRO B 37 -15.50 -18.76 11.88
CA PRO B 37 -16.07 -19.57 10.80
C PRO B 37 -15.03 -20.44 10.09
N PRO B 38 -15.50 -21.20 9.09
CA PRO B 38 -14.56 -22.09 8.39
C PRO B 38 -13.61 -21.32 7.47
N GLY B 39 -13.97 -20.09 7.10
CA GLY B 39 -13.15 -19.26 6.22
C GLY B 39 -13.91 -17.99 5.87
N TYR B 40 -13.32 -17.07 5.13
CA TYR B 40 -14.09 -15.87 4.78
C TYR B 40 -13.55 -15.23 3.50
N HIS B 41 -14.37 -14.40 2.88
CA HIS B 41 -13.87 -13.55 1.81
C HIS B 41 -13.10 -12.32 2.31
N ALA B 42 -11.80 -12.36 2.07
CA ALA B 42 -10.91 -11.31 2.52
C ALA B 42 -10.67 -10.25 1.42
N PHE B 43 -10.64 -10.72 0.17
CA PHE B 43 -10.33 -9.93 -1.02
C PHE B 43 -8.89 -9.46 -0.93
N TYR B 44 -8.44 -8.77 -1.97
CA TYR B 44 -7.13 -8.12 -1.98
C TYR B 44 -7.05 -7.02 -3.03
N CYS B 45 -6.03 -6.18 -2.94
CA CYS B 45 -5.88 -5.06 -3.86
C CYS B 45 -4.68 -5.31 -4.76
N HIS B 46 -4.79 -4.99 -6.04
CA HIS B 46 -3.67 -5.13 -6.94
C HIS B 46 -3.95 -4.39 -8.24
N GLY B 47 -2.91 -3.85 -8.86
CA GLY B 47 -3.05 -3.22 -10.18
C GLY B 47 -2.23 -1.96 -10.30
N GLU B 48 -2.05 -1.47 -11.52
CA GLU B 48 -1.16 -0.34 -11.79
C GLU B 48 -1.69 0.99 -11.23
N CYS B 49 -0.78 1.84 -10.78
CA CYS B 49 -1.10 3.22 -10.39
C CYS B 49 -0.50 4.20 -11.42
N PRO B 50 -1.18 4.39 -12.55
CA PRO B 50 -0.62 5.15 -13.69
C PRO B 50 -0.71 6.66 -13.54
N PHE B 51 -0.31 7.38 -14.57
CA PHE B 51 -0.54 8.79 -14.58
C PHE B 51 -1.48 9.08 -15.71
N PRO B 52 -2.52 9.87 -15.42
CA PRO B 52 -2.90 10.43 -14.12
C PRO B 52 -3.65 9.41 -13.29
N LEU B 53 -3.77 9.64 -11.98
CA LEU B 53 -4.59 8.73 -11.19
C LEU B 53 -6.07 9.16 -11.25
N ALA B 54 -6.91 8.31 -11.84
CA ALA B 54 -8.33 8.63 -12.03
C ALA B 54 -9.11 8.72 -10.71
N ASP B 55 -10.27 9.36 -10.74
CA ASP B 55 -11.07 9.60 -9.54
C ASP B 55 -11.25 8.34 -8.67
N HIS B 56 -11.57 7.19 -9.27
CA HIS B 56 -11.92 6.02 -8.51
C HIS B 56 -10.77 5.35 -7.81
N LEU B 57 -9.57 5.87 -7.98
CA LEU B 57 -8.42 5.26 -7.33
C LEU B 57 -8.12 5.90 -5.97
N ASN B 58 -8.92 6.90 -5.56
CA ASN B 58 -8.74 7.53 -4.22
C ASN B 58 -7.32 7.68 -3.83
N SER B 59 -6.58 8.48 -4.56
CA SER B 59 -5.19 8.66 -4.25
C SER B 59 -5.08 9.67 -3.12
N THR B 60 -3.88 9.98 -2.69
CA THR B 60 -3.69 11.06 -1.74
C THR B 60 -2.84 12.10 -2.47
N ASN B 61 -2.80 13.33 -1.94
CA ASN B 61 -1.92 14.30 -2.55
C ASN B 61 -0.57 13.68 -2.75
N HIS B 62 -0.06 13.01 -1.72
CA HIS B 62 1.29 12.46 -1.79
C HIS B 62 1.50 11.41 -2.89
N ALA B 63 0.60 10.46 -3.02
CA ALA B 63 0.63 9.43 -4.05
C ALA B 63 0.62 10.06 -5.45
N ILE B 64 -0.18 11.13 -5.58
CA ILE B 64 -0.29 11.90 -6.80
C ILE B 64 1.06 12.57 -7.09
N VAL B 65 1.59 13.31 -6.12
CA VAL B 65 2.87 13.94 -6.28
C VAL B 65 3.95 12.91 -6.65
N GLN B 66 3.95 11.75 -6.00
CA GLN B 66 4.98 10.75 -6.24
C GLN B 66 4.84 10.00 -7.56
N THR B 67 3.63 9.99 -8.13
CA THR B 67 3.40 9.43 -9.47
C THR B 67 4.02 10.34 -10.52
N LEU B 68 4.01 11.63 -10.24
CA LEU B 68 4.67 12.61 -11.09
C LEU B 68 6.18 12.51 -11.01
N VAL B 69 6.73 12.50 -9.81
CA VAL B 69 8.15 12.27 -9.63
C VAL B 69 8.59 10.96 -10.27
N ASN B 70 7.75 9.94 -10.17
CA ASN B 70 8.17 8.68 -10.76
C ASN B 70 8.55 8.82 -12.22
N SER B 71 7.80 9.64 -12.97
CA SER B 71 7.92 9.65 -14.43
C SER B 71 9.06 10.52 -14.92
N VAL B 72 9.52 11.43 -14.07
CA VAL B 72 10.78 12.10 -14.34
C VAL B 72 11.87 11.21 -13.80
N ASN B 73 11.72 10.77 -12.57
CA ASN B 73 12.75 9.95 -11.95
C ASN B 73 12.26 8.55 -11.61
N SER B 74 12.55 7.61 -12.49
CA SER B 74 12.04 6.25 -12.36
C SER B 74 12.60 5.51 -11.17
N LYS B 75 13.73 5.97 -10.62
CA LYS B 75 14.28 5.43 -9.37
C LYS B 75 13.33 5.65 -8.18
N ILE B 76 12.32 6.47 -8.35
CA ILE B 76 11.31 6.64 -7.34
C ILE B 76 10.14 5.77 -7.74
N PRO B 77 9.71 4.87 -6.84
CA PRO B 77 8.64 3.95 -7.18
C PRO B 77 7.32 4.65 -7.43
N LYS B 78 6.39 3.96 -8.12
CA LYS B 78 5.02 4.42 -8.27
C LYS B 78 4.31 4.15 -6.99
N ALA B 79 3.16 4.82 -6.80
CA ALA B 79 2.32 4.60 -5.69
C ALA B 79 1.82 3.15 -5.77
N CYS B 80 1.19 2.66 -4.72
CA CYS B 80 0.90 1.25 -4.65
C CYS B 80 -0.59 1.05 -4.40
N CYS B 81 -1.15 0.05 -5.04
CA CYS B 81 -2.53 -0.35 -4.85
C CYS B 81 -2.72 -1.12 -3.52
N VAL B 82 -3.36 -0.49 -2.55
CA VAL B 82 -3.57 -1.10 -1.26
C VAL B 82 -5.00 -0.89 -0.80
N PRO B 83 -5.40 -1.58 0.29
CA PRO B 83 -6.76 -1.40 0.80
C PRO B 83 -6.96 -0.01 1.40
N THR B 84 -8.06 0.65 1.08
CA THR B 84 -8.29 2.01 1.59
C THR B 84 -9.44 2.04 2.57
N GLU B 85 -10.24 0.97 2.53
CA GLU B 85 -11.29 0.75 3.51
C GLU B 85 -11.36 -0.75 3.85
N LEU B 86 -11.34 -1.06 5.14
CA LEU B 86 -11.43 -2.44 5.62
C LEU B 86 -12.60 -2.57 6.60
N SER B 87 -13.13 -3.79 6.76
CA SER B 87 -14.17 -4.04 7.76
C SER B 87 -13.85 -5.28 8.62
N ALA B 88 -14.60 -5.44 9.71
CA ALA B 88 -14.36 -6.49 10.69
C ALA B 88 -15.14 -7.79 10.42
N ILE B 89 -14.71 -8.86 11.10
CA ILE B 89 -15.43 -10.10 11.14
C ILE B 89 -15.21 -10.75 12.52
N SER B 90 -16.25 -11.32 13.10
CA SER B 90 -16.13 -12.03 14.36
C SER B 90 -15.60 -13.44 14.13
N MET B 91 -14.82 -13.94 15.10
CA MET B 91 -14.42 -15.32 15.05
C MET B 91 -14.46 -15.95 16.41
N LEU B 92 -14.49 -17.28 16.35
CA LEU B 92 -14.54 -18.12 17.51
C LEU B 92 -13.26 -18.95 17.44
N TYR B 93 -12.39 -18.78 18.42
CA TYR B 93 -11.09 -19.40 18.37
C TYR B 93 -10.78 -19.98 19.73
N LEU B 94 -9.56 -20.48 19.90
CA LEU B 94 -9.23 -21.21 21.13
C LEU B 94 -8.51 -20.37 22.16
N ASP B 95 -8.63 -20.77 23.42
CA ASP B 95 -7.88 -20.18 24.53
C ASP B 95 -6.67 -21.03 24.85
N GLU B 96 -5.61 -20.38 25.33
CA GLU B 96 -4.50 -21.06 26.03
C GLU B 96 -5.12 -22.14 26.90
N ASN B 97 -6.22 -21.78 27.58
CA ASN B 97 -6.88 -22.66 28.53
C ASN B 97 -7.74 -23.75 27.90
N GLU B 98 -7.79 -23.78 26.56
CA GLU B 98 -8.57 -24.76 25.82
C GLU B 98 -10.02 -24.27 25.67
N LYS B 99 -10.21 -22.98 25.96
CA LYS B 99 -11.55 -22.41 25.91
C LYS B 99 -11.82 -21.37 24.80
N VAL B 100 -12.80 -21.73 23.99
CA VAL B 100 -13.32 -20.91 22.93
C VAL B 100 -13.65 -19.51 23.41
N VAL B 101 -12.99 -18.52 22.86
CA VAL B 101 -13.53 -17.18 23.01
C VAL B 101 -13.96 -16.57 21.67
N LEU B 102 -14.71 -15.48 21.75
CA LEU B 102 -15.26 -14.81 20.59
C LEU B 102 -14.74 -13.38 20.53
N LYS B 103 -14.18 -12.98 19.41
CA LYS B 103 -13.64 -11.66 19.32
C LYS B 103 -13.95 -11.09 17.96
N ASN B 104 -14.20 -9.79 17.93
CA ASN B 104 -14.37 -9.10 16.67
C ASN B 104 -13.00 -8.72 16.14
N TYR B 105 -12.64 -9.18 14.94
CA TYR B 105 -11.33 -8.89 14.35
C TYR B 105 -11.44 -7.74 13.39
N GLN B 106 -10.76 -6.64 13.69
CA GLN B 106 -10.82 -5.46 12.84
C GLN B 106 -10.02 -5.64 11.58
N ASP B 107 -10.30 -4.80 10.58
CA ASP B 107 -9.53 -4.74 9.33
C ASP B 107 -9.22 -6.10 8.73
N MET B 108 -10.23 -6.98 8.71
CA MET B 108 -10.07 -8.29 8.16
C MET B 108 -10.43 -8.36 6.68
N VAL B 109 -11.38 -7.54 6.24
CA VAL B 109 -11.98 -7.66 4.88
C VAL B 109 -11.74 -6.39 4.11
N VAL B 110 -11.27 -6.49 2.86
CA VAL B 110 -11.06 -5.30 2.03
C VAL B 110 -12.35 -4.83 1.42
N GLU B 111 -12.73 -3.58 1.70
CA GLU B 111 -13.97 -3.00 1.15
C GLU B 111 -13.66 -2.06 -0.01
N GLY B 112 -12.44 -1.57 -0.07
CA GLY B 112 -12.04 -0.68 -1.17
C GLY B 112 -10.53 -0.55 -1.26
N CYS B 113 -10.06 -0.20 -2.44
CA CYS B 113 -8.65 -0.06 -2.72
C CYS B 113 -8.30 1.34 -3.21
N GLY B 114 -7.01 1.69 -3.16
CA GLY B 114 -6.55 2.94 -3.72
C GLY B 114 -5.06 2.99 -3.90
N CYS B 115 -4.57 4.00 -4.60
CA CYS B 115 -3.16 4.11 -4.87
C CYS B 115 -2.61 5.03 -3.80
N ARG B 116 -1.66 4.53 -3.00
CA ARG B 116 -1.18 5.29 -1.86
C ARG B 116 0.33 5.38 -1.89
N THR C 38 -3.37 -0.55 23.39
CA THR C 38 -2.66 -0.62 24.69
C THR C 38 -1.14 -0.42 24.53
N LEU C 39 -0.54 0.26 25.51
CA LEU C 39 0.86 0.71 25.43
C LEU C 39 1.84 -0.46 25.41
N PRO C 40 2.98 -0.28 24.73
CA PRO C 40 3.96 -1.36 24.76
C PRO C 40 4.54 -1.52 26.17
N PHE C 41 4.58 -2.74 26.68
CA PHE C 41 5.03 -2.99 28.06
C PHE C 41 6.17 -3.99 28.04
N LEU C 42 6.48 -4.48 26.84
CA LEU C 42 7.39 -5.61 26.65
C LEU C 42 8.63 -5.20 25.92
N LYS C 43 9.77 -5.67 26.41
CA LYS C 43 11.04 -5.45 25.74
C LYS C 43 11.57 -6.76 25.15
N CYS C 44 12.02 -6.71 23.88
CA CYS C 44 12.53 -7.90 23.18
C CYS C 44 13.89 -7.66 22.53
N TYR C 45 14.61 -8.74 22.32
CA TYR C 45 15.79 -8.68 21.48
C TYR C 45 15.37 -8.64 20.01
N CYS C 46 16.13 -7.94 19.17
CA CYS C 46 15.87 -8.08 17.74
C CYS C 46 17.11 -8.32 16.92
N SER C 47 16.88 -8.92 15.77
CA SER C 47 17.96 -9.37 14.94
C SER C 47 17.31 -9.56 13.61
N GLY C 48 17.71 -8.78 12.63
CA GLY C 48 17.12 -8.92 11.31
C GLY C 48 15.84 -8.14 11.16
N HIS C 49 14.97 -8.18 12.17
CA HIS C 49 13.73 -7.40 12.14
C HIS C 49 13.72 -6.19 13.10
N CYS C 50 14.90 -5.69 13.46
CA CYS C 50 14.98 -4.46 14.24
C CYS C 50 14.32 -3.28 13.53
N PRO C 51 13.55 -2.44 14.27
CA PRO C 51 13.11 -1.13 13.75
C PRO C 51 14.36 -0.28 13.45
N ASP C 52 14.28 0.65 12.51
CA ASP C 52 15.45 1.48 12.20
C ASP C 52 15.94 2.39 13.32
N ASP C 53 15.18 2.56 14.38
CA ASP C 53 15.68 3.35 15.50
C ASP C 53 16.01 2.51 16.73
N ALA C 54 16.18 1.19 16.54
CA ALA C 54 16.49 0.27 17.63
C ALA C 54 17.83 0.55 18.29
N ILE C 55 17.83 0.45 19.63
CA ILE C 55 19.03 0.68 20.45
C ILE C 55 19.55 -0.65 20.96
N ASN C 56 20.82 -0.95 20.67
CA ASN C 56 21.39 -2.23 21.10
C ASN C 56 20.61 -3.49 20.69
N ASN C 57 19.87 -3.46 19.59
CA ASN C 57 19.24 -4.71 19.19
C ASN C 57 18.16 -5.14 20.17
N THR C 58 17.42 -4.17 20.70
CA THR C 58 16.23 -4.47 21.47
C THR C 58 15.09 -3.62 20.89
N CYS C 59 13.85 -4.04 21.11
CA CYS C 59 12.69 -3.31 20.63
C CYS C 59 11.61 -3.45 21.69
N ILE C 60 10.60 -2.60 21.64
CA ILE C 60 9.52 -2.71 22.60
C ILE C 60 8.18 -2.96 21.92
N THR C 61 7.24 -3.58 22.65
CA THR C 61 5.97 -4.00 22.04
C THR C 61 4.84 -4.28 23.06
N ASN C 62 3.59 -4.25 22.59
CA ASN C 62 2.46 -4.66 23.42
C ASN C 62 2.00 -6.09 23.09
N GLY C 63 2.69 -6.75 22.16
CA GLY C 63 2.33 -8.13 21.77
C GLY C 63 3.30 -9.18 22.28
N HIS C 64 4.14 -9.68 21.40
CA HIS C 64 5.05 -10.78 21.74
C HIS C 64 6.43 -10.52 21.21
N CYS C 65 7.41 -11.15 21.85
CA CYS C 65 8.74 -11.36 21.28
C CYS C 65 8.72 -12.63 20.46
N PHE C 66 9.49 -12.64 19.39
CA PHE C 66 9.56 -13.81 18.51
C PHE C 66 10.98 -14.20 18.09
N ALA C 67 11.11 -15.43 17.64
CA ALA C 67 12.37 -15.94 17.06
C ALA C 67 11.95 -16.76 15.86
N ILE C 68 12.63 -16.64 14.74
CA ILE C 68 12.24 -17.46 13.61
C ILE C 68 13.49 -18.10 12.98
N ILE C 69 13.33 -19.32 12.50
CA ILE C 69 14.36 -20.02 11.74
C ILE C 69 13.75 -20.31 10.37
N GLU C 70 14.48 -20.06 9.29
CA GLU C 70 13.91 -20.21 7.96
C GLU C 70 14.99 -20.41 6.91
N GLU C 71 14.65 -21.08 5.82
CA GLU C 71 15.52 -21.09 4.65
C GLU C 71 15.19 -19.91 3.76
N ASP C 72 16.22 -19.27 3.18
CA ASP C 72 15.96 -18.26 2.18
C ASP C 72 15.65 -18.91 0.83
N ASP C 73 15.55 -18.10 -0.22
CA ASP C 73 15.24 -18.69 -1.49
C ASP C 73 16.35 -19.46 -2.14
N GLN C 74 17.53 -19.36 -1.56
CA GLN C 74 18.67 -20.17 -2.00
C GLN C 74 18.78 -21.47 -1.23
N GLY C 75 17.95 -21.62 -0.20
CA GLY C 75 17.94 -22.81 0.64
C GLY C 75 18.92 -22.76 1.78
N GLU C 76 19.43 -21.57 2.08
CA GLU C 76 20.34 -21.39 3.18
C GLU C 76 19.57 -20.97 4.43
N THR C 77 19.91 -21.57 5.55
CA THR C 77 19.16 -21.33 6.75
C THR C 77 19.64 -20.09 7.55
N THR C 78 18.68 -19.41 8.16
CA THR C 78 18.92 -18.11 8.77
C THR C 78 18.10 -17.93 10.00
N LEU C 79 18.56 -17.04 10.84
CA LEU C 79 17.96 -16.87 12.13
C LEU C 79 17.67 -15.40 12.40
N ALA C 80 16.43 -15.10 12.81
CA ALA C 80 16.07 -13.74 13.12
C ALA C 80 15.16 -13.68 14.35
N SER C 81 14.93 -12.46 14.84
CA SER C 81 14.08 -12.23 16.00
C SER C 81 13.62 -10.81 16.04
N GLY C 82 12.57 -10.56 16.83
CA GLY C 82 12.14 -9.18 17.09
C GLY C 82 10.83 -9.11 17.87
N CYS C 83 10.10 -8.04 17.61
CA CYS C 83 8.85 -7.68 18.28
C CYS C 83 7.68 -7.79 17.33
N MET C 84 6.58 -8.27 17.89
CA MET C 84 5.36 -8.49 17.15
C MET C 84 4.22 -7.81 17.93
N LYS C 85 3.52 -6.93 17.27
CA LYS C 85 2.41 -6.22 17.84
C LYS C 85 1.33 -7.22 18.18
N TYR C 86 0.51 -6.88 19.19
CA TYR C 86 -0.48 -7.81 19.65
C TYR C 86 -1.60 -8.14 18.64
N GLU C 87 -2.14 -7.14 17.95
CA GLU C 87 -3.11 -7.41 16.87
C GLU C 87 -2.50 -8.28 15.76
N GLY C 88 -3.18 -9.37 15.40
CA GLY C 88 -2.74 -10.29 14.35
C GLY C 88 -1.70 -11.30 14.79
N SER C 89 -1.28 -11.26 16.05
CA SER C 89 -0.30 -12.21 16.54
C SER C 89 -0.74 -13.66 16.65
N ASP C 90 -2.04 -13.95 16.61
CA ASP C 90 -2.45 -15.32 16.64
C ASP C 90 -2.07 -15.93 15.32
N PHE C 91 -2.34 -15.19 14.24
CA PHE C 91 -2.06 -15.62 12.90
C PHE C 91 -0.54 -15.85 12.72
N GLN C 92 0.29 -14.89 13.14
CA GLN C 92 1.73 -14.96 12.92
C GLN C 92 2.49 -15.95 13.81
N CYS C 93 2.17 -16.04 15.08
CA CYS C 93 2.86 -16.94 15.96
C CYS C 93 2.53 -18.36 15.60
N ARG C 94 1.27 -18.59 15.23
CA ARG C 94 0.79 -19.87 14.75
C ARG C 94 1.33 -20.29 13.36
N ASP C 95 1.28 -19.37 12.38
CA ASP C 95 1.86 -19.58 11.05
C ASP C 95 1.00 -20.56 10.25
N THR C 96 1.36 -20.83 8.99
CA THR C 96 0.85 -21.98 8.22
C THR C 96 1.86 -23.12 8.29
N PRO C 97 1.40 -24.36 8.39
CA PRO C 97 2.37 -25.47 8.33
C PRO C 97 3.17 -25.67 7.01
N ILE C 98 2.66 -25.30 5.83
CA ILE C 98 3.49 -25.54 4.64
C ILE C 98 3.65 -24.37 3.69
N PRO C 99 4.41 -23.35 4.09
CA PRO C 99 4.77 -22.31 3.13
C PRO C 99 5.81 -22.82 2.12
N HIS C 100 6.03 -22.03 1.08
CA HIS C 100 7.04 -22.31 0.05
C HIS C 100 8.39 -22.76 0.62
N GLN C 101 8.91 -22.01 1.60
CA GLN C 101 10.20 -22.28 2.21
C GLN C 101 9.99 -22.76 3.65
N ARG C 102 10.77 -23.76 4.10
CA ARG C 102 10.68 -24.25 5.47
C ARG C 102 10.94 -23.15 6.50
N ARG C 103 10.12 -23.10 7.55
CA ARG C 103 10.36 -22.16 8.68
C ARG C 103 9.70 -22.59 9.98
N SER C 104 10.13 -21.99 11.05
CA SER C 104 9.48 -22.17 12.33
C SER C 104 9.62 -20.90 13.16
N ILE C 105 8.50 -20.26 13.46
CA ILE C 105 8.48 -19.08 14.32
C ILE C 105 7.96 -19.48 15.72
N GLU C 106 8.60 -18.97 16.77
CA GLU C 106 8.13 -19.15 18.17
C GLU C 106 7.95 -17.81 18.84
N CYS C 107 7.03 -17.70 19.79
CA CYS C 107 6.68 -16.42 20.39
C CYS C 107 6.68 -16.54 21.91
N CYS C 108 7.01 -15.45 22.61
CA CYS C 108 6.82 -15.44 24.06
C CYS C 108 6.46 -14.03 24.56
N ARG C 109 6.14 -13.90 25.85
CA ARG C 109 5.64 -12.62 26.34
C ARG C 109 6.25 -12.16 27.67
N THR C 110 7.50 -12.45 27.91
CA THR C 110 8.15 -11.91 29.07
C THR C 110 9.41 -11.24 28.56
N ASN C 111 9.85 -10.19 29.24
CA ASN C 111 10.99 -9.39 28.79
C ASN C 111 12.20 -10.17 28.32
N LEU C 112 12.58 -9.92 27.06
CA LEU C 112 13.80 -10.46 26.48
C LEU C 112 13.74 -11.97 26.35
N CYS C 113 12.53 -12.52 26.43
CA CYS C 113 12.37 -13.98 26.48
C CYS C 113 12.82 -14.66 25.16
N ASN C 114 12.82 -13.93 24.05
CA ASN C 114 13.21 -14.55 22.79
C ASN C 114 14.67 -14.93 22.71
N GLN C 115 15.44 -14.63 23.74
CA GLN C 115 16.82 -15.09 23.80
C GLN C 115 16.88 -16.59 24.17
N TYR C 116 15.80 -17.11 24.76
CA TYR C 116 15.77 -18.53 25.12
C TYR C 116 15.07 -19.42 24.08
N LEU C 117 14.47 -18.79 23.08
CA LEU C 117 13.78 -19.48 22.00
C LEU C 117 14.80 -20.11 21.04
N GLN C 118 14.66 -21.39 20.78
CA GLN C 118 15.60 -22.03 19.86
C GLN C 118 14.84 -22.82 18.83
N PRO C 119 14.10 -22.12 17.94
CA PRO C 119 13.26 -22.91 17.05
C PRO C 119 14.02 -23.81 16.05
N THR C 120 13.27 -24.77 15.51
CA THR C 120 13.77 -25.88 14.77
C THR C 120 13.02 -25.99 13.44
N LEU C 121 13.78 -26.12 12.35
CA LEU C 121 13.22 -26.29 11.02
C LEU C 121 12.33 -27.52 11.03
N PRO C 122 11.15 -27.40 10.42
CA PRO C 122 10.22 -28.53 10.30
C PRO C 122 10.90 -29.68 9.55
N PRO C 123 10.45 -30.93 9.80
CA PRO C 123 11.13 -32.00 9.06
C PRO C 123 10.76 -31.88 7.61
N VAL C 124 11.60 -32.47 6.78
CA VAL C 124 11.54 -32.33 5.37
C VAL C 124 10.55 -33.40 4.90
N VAL C 125 9.80 -33.11 3.85
CA VAL C 125 8.89 -34.09 3.27
C VAL C 125 9.57 -34.76 2.08
N ILE C 126 9.38 -36.07 1.93
CA ILE C 126 9.95 -36.80 0.83
C ILE C 126 8.82 -37.28 -0.06
N GLY C 127 9.02 -37.22 -1.37
CA GLY C 127 7.94 -37.54 -2.27
C GLY C 127 7.63 -36.32 -3.11
N PRO C 128 7.30 -36.57 -4.39
CA PRO C 128 7.20 -35.58 -5.46
C PRO C 128 5.88 -34.85 -5.47
N PHE C 129 5.37 -34.46 -4.30
CA PHE C 129 4.01 -33.93 -4.21
C PHE C 129 3.82 -32.65 -3.39
N PHE C 130 4.01 -32.77 -2.07
CA PHE C 130 3.65 -31.67 -1.18
C PHE C 130 4.83 -31.19 -0.32
N THR D 38 -16.98 17.35 -0.96
CA THR D 38 -18.17 17.64 -1.83
C THR D 38 -18.51 16.48 -2.81
N LEU D 39 -19.81 16.37 -3.13
CA LEU D 39 -20.34 15.28 -3.95
C LEU D 39 -19.89 15.38 -5.39
N PRO D 40 -19.77 14.23 -6.08
CA PRO D 40 -19.59 14.27 -7.54
C PRO D 40 -20.76 15.04 -8.19
N PHE D 41 -20.46 15.87 -9.16
CA PHE D 41 -21.51 16.69 -9.75
C PHE D 41 -21.29 16.78 -11.25
N LEU D 42 -20.16 16.26 -11.69
CA LEU D 42 -19.72 16.37 -13.06
C LEU D 42 -19.64 14.99 -13.67
N LYS D 43 -20.08 14.92 -14.91
CA LYS D 43 -20.12 13.71 -15.71
C LYS D 43 -19.10 13.84 -16.88
N CYS D 44 -18.25 12.83 -17.02
CA CYS D 44 -17.17 12.80 -18.00
C CYS D 44 -17.17 11.52 -18.83
N TYR D 45 -16.51 11.54 -19.96
CA TYR D 45 -16.35 10.34 -20.76
C TYR D 45 -15.07 9.66 -20.29
N CYS D 46 -14.96 8.36 -20.47
CA CYS D 46 -13.69 7.70 -20.11
C CYS D 46 -13.27 6.63 -21.08
N SER D 47 -11.99 6.36 -21.06
CA SER D 47 -11.37 5.46 -22.00
C SER D 47 -9.99 5.14 -21.45
N GLY D 48 -9.72 3.87 -21.27
CA GLY D 48 -8.45 3.47 -20.68
C GLY D 48 -8.44 3.61 -19.18
N HIS D 49 -9.07 4.67 -18.67
CA HIS D 49 -9.08 4.98 -17.24
C HIS D 49 -10.45 4.90 -16.61
N CYS D 50 -11.37 4.18 -17.26
CA CYS D 50 -12.70 3.95 -16.71
C CYS D 50 -12.71 3.17 -15.40
N PRO D 51 -13.66 3.51 -14.51
CA PRO D 51 -13.93 2.66 -13.34
C PRO D 51 -14.65 1.41 -13.84
N ASP D 52 -14.55 0.30 -13.11
CA ASP D 52 -15.26 -0.92 -13.50
C ASP D 52 -16.77 -0.72 -13.62
N ASP D 53 -17.31 0.29 -12.94
CA ASP D 53 -18.76 0.44 -12.95
C ASP D 53 -19.19 1.60 -13.90
N ALA D 54 -18.36 1.91 -14.89
CA ALA D 54 -18.63 3.02 -15.79
C ALA D 54 -19.94 2.74 -16.52
N ILE D 55 -20.67 3.82 -16.80
CA ILE D 55 -21.93 3.69 -17.49
C ILE D 55 -21.77 4.22 -18.90
N ASN D 56 -21.86 3.30 -19.87
CA ASN D 56 -21.62 3.64 -21.26
C ASN D 56 -20.32 4.44 -21.37
N ASN D 57 -19.28 3.95 -20.71
CA ASN D 57 -18.03 4.62 -20.81
C ASN D 57 -18.18 6.07 -20.38
N THR D 58 -18.84 6.30 -19.23
CA THR D 58 -18.79 7.60 -18.57
C THR D 58 -18.52 7.41 -17.08
N CYS D 59 -17.99 8.44 -16.44
CA CYS D 59 -17.74 8.41 -15.01
C CYS D 59 -18.19 9.73 -14.39
N ILE D 60 -18.37 9.78 -13.07
CA ILE D 60 -18.72 11.06 -12.47
C ILE D 60 -17.69 11.45 -11.45
N THR D 61 -17.59 12.76 -11.18
CA THR D 61 -16.53 13.26 -10.31
C THR D 61 -16.86 14.64 -9.73
N ASN D 62 -16.12 15.05 -8.70
CA ASN D 62 -16.25 16.38 -8.16
C ASN D 62 -15.12 17.31 -8.66
N GLY D 63 -14.27 16.78 -9.54
CA GLY D 63 -13.11 17.54 -10.02
C GLY D 63 -13.22 17.89 -11.48
N HIS D 64 -12.49 17.16 -12.31
CA HIS D 64 -12.37 17.50 -13.71
C HIS D 64 -12.46 16.31 -14.65
N CYS D 65 -13.02 16.55 -15.83
CA CYS D 65 -12.84 15.68 -16.97
C CYS D 65 -11.41 15.84 -17.53
N PHE D 66 -10.89 14.77 -18.12
CA PHE D 66 -9.60 14.90 -18.77
C PHE D 66 -9.43 14.05 -19.99
N ALA D 67 -8.44 14.41 -20.80
CA ALA D 67 -7.98 13.61 -21.91
C ALA D 67 -6.47 13.76 -21.99
N ILE D 68 -5.78 12.69 -22.35
CA ILE D 68 -4.35 12.72 -22.43
C ILE D 68 -3.87 11.98 -23.67
N ILE D 69 -2.81 12.47 -24.29
CA ILE D 69 -2.19 11.79 -25.41
C ILE D 69 -0.78 11.45 -24.95
N GLU D 70 -0.32 10.25 -25.25
CA GLU D 70 1.05 9.92 -24.91
C GLU D 70 1.71 8.97 -25.89
N GLU D 71 3.00 9.20 -26.12
CA GLU D 71 3.75 8.39 -27.07
C GLU D 71 4.65 7.37 -26.35
N ASP D 72 4.50 6.11 -26.73
CA ASP D 72 5.43 5.06 -26.28
C ASP D 72 6.85 5.34 -26.79
N ASP D 73 7.71 4.32 -26.75
CA ASP D 73 9.08 4.48 -27.20
C ASP D 73 9.31 3.87 -28.58
N GLN D 74 8.26 3.25 -29.11
CA GLN D 74 8.24 2.72 -30.48
C GLN D 74 7.63 3.77 -31.42
N GLY D 75 7.28 4.92 -30.85
CA GLY D 75 6.88 6.09 -31.63
C GLY D 75 5.37 6.24 -31.77
N GLU D 76 4.67 5.14 -31.44
CA GLU D 76 3.23 5.12 -31.58
C GLU D 76 2.54 5.87 -30.45
N THR D 77 1.25 6.13 -30.63
CA THR D 77 0.54 7.05 -29.77
C THR D 77 -0.82 6.49 -29.38
N THR D 78 -1.25 6.83 -28.17
CA THR D 78 -2.54 6.38 -27.70
C THR D 78 -3.29 7.53 -27.04
N LEU D 79 -4.61 7.42 -27.03
CA LEU D 79 -5.46 8.41 -26.41
C LEU D 79 -6.20 7.78 -25.23
N ALA D 80 -6.29 8.49 -24.13
CA ALA D 80 -7.01 8.01 -22.98
C ALA D 80 -7.80 9.18 -22.42
N SER D 81 -8.83 8.88 -21.63
CA SER D 81 -9.64 9.92 -20.99
C SER D 81 -10.36 9.42 -19.75
N GLY D 82 -10.85 10.34 -18.94
CA GLY D 82 -11.64 10.00 -17.77
C GLY D 82 -11.90 11.13 -16.80
N CYS D 83 -12.04 10.74 -15.53
CA CYS D 83 -12.41 11.60 -14.38
C CYS D 83 -11.26 11.69 -13.40
N MET D 84 -11.03 12.90 -12.92
CA MET D 84 -10.01 13.21 -11.98
C MET D 84 -10.68 13.89 -10.79
N LYS D 85 -10.45 13.34 -9.61
CA LYS D 85 -10.95 13.91 -8.38
C LYS D 85 -10.41 15.34 -8.17
N TYR D 86 -11.20 16.22 -7.57
CA TYR D 86 -10.74 17.58 -7.28
C TYR D 86 -9.45 17.72 -6.44
N GLU D 87 -9.34 16.98 -5.32
CA GLU D 87 -8.13 17.03 -4.52
C GLU D 87 -6.97 16.47 -5.33
N GLY D 88 -5.89 17.27 -5.42
CA GLY D 88 -4.71 16.91 -6.18
C GLY D 88 -4.84 17.23 -7.67
N SER D 89 -5.98 17.72 -8.10
CA SER D 89 -6.17 17.88 -9.54
C SER D 89 -5.20 18.91 -10.15
N ASP D 90 -4.83 19.95 -9.40
CA ASP D 90 -3.92 20.95 -9.96
C ASP D 90 -2.55 20.40 -10.27
N PHE D 91 -2.04 19.48 -9.47
CA PHE D 91 -0.79 18.80 -9.82
C PHE D 91 -0.93 18.03 -11.11
N GLN D 92 -2.13 17.47 -11.33
CA GLN D 92 -2.32 16.56 -12.44
C GLN D 92 -2.68 17.24 -13.75
N CYS D 93 -3.46 18.32 -13.67
CA CYS D 93 -3.91 19.02 -14.86
C CYS D 93 -2.86 19.95 -15.41
N ARG D 94 -1.90 20.38 -14.58
CA ARG D 94 -0.83 21.23 -15.08
C ARG D 94 0.26 20.37 -15.73
N ASP D 95 0.92 20.92 -16.74
CA ASP D 95 1.74 20.11 -17.66
C ASP D 95 3.26 20.19 -17.45
N THR D 96 3.79 19.29 -16.62
CA THR D 96 5.25 19.17 -16.41
C THR D 96 5.99 19.04 -17.75
N PRO D 97 7.26 19.45 -17.80
CA PRO D 97 8.14 19.26 -18.95
C PRO D 97 9.07 18.05 -18.80
N ILE D 98 9.38 17.42 -19.94
CA ILE D 98 10.23 16.22 -20.04
C ILE D 98 10.05 15.06 -19.02
N PRO D 99 8.85 14.47 -18.94
CA PRO D 99 8.75 13.10 -18.38
C PRO D 99 9.58 12.11 -19.21
N HIS D 100 9.76 10.89 -18.70
CA HIS D 100 10.48 9.85 -19.45
C HIS D 100 9.91 9.67 -20.86
N GLN D 101 8.90 10.49 -21.21
CA GLN D 101 8.14 10.40 -22.47
C GLN D 101 7.37 11.70 -22.75
N ARG D 102 6.92 11.85 -24.00
CA ARG D 102 6.05 12.96 -24.39
C ARG D 102 4.59 12.62 -24.06
N ARG D 103 3.94 13.51 -23.32
CA ARG D 103 2.53 13.38 -23.05
C ARG D 103 1.94 14.77 -22.88
N SER D 104 0.68 14.92 -23.21
CA SER D 104 -0.01 16.19 -22.96
C SER D 104 -1.37 15.85 -22.40
N ILE D 105 -1.72 16.48 -21.29
CA ILE D 105 -2.99 16.26 -20.62
C ILE D 105 -3.75 17.57 -20.57
N GLU D 106 -5.07 17.51 -20.76
CA GLU D 106 -5.89 18.70 -20.65
C GLU D 106 -7.10 18.38 -19.78
N CYS D 107 -7.61 19.39 -19.10
CA CYS D 107 -8.74 19.22 -18.18
C CYS D 107 -9.81 20.25 -18.44
N CYS D 108 -11.04 19.91 -18.09
CA CYS D 108 -12.13 20.85 -18.14
C CYS D 108 -13.21 20.44 -17.16
N ARG D 109 -14.13 21.37 -16.89
CA ARG D 109 -15.10 21.25 -15.80
C ARG D 109 -16.56 21.37 -16.21
N THR D 110 -16.88 21.13 -17.47
CA THR D 110 -18.26 21.14 -17.91
C THR D 110 -18.65 19.74 -18.35
N ASN D 111 -19.96 19.51 -18.41
CA ASN D 111 -20.48 18.16 -18.62
C ASN D 111 -20.01 17.53 -19.92
N LEU D 112 -19.39 16.34 -19.85
CA LEU D 112 -18.81 15.66 -21.02
C LEU D 112 -17.80 16.49 -21.85
N CYS D 113 -17.45 17.69 -21.36
CA CYS D 113 -16.43 18.52 -22.00
C CYS D 113 -15.18 17.76 -22.56
N ASN D 114 -14.67 16.74 -21.86
CA ASN D 114 -13.51 16.03 -22.39
C ASN D 114 -13.75 15.20 -23.68
N GLN D 115 -14.93 15.37 -24.27
CA GLN D 115 -15.21 14.79 -25.57
C GLN D 115 -14.69 15.71 -26.66
N TYR D 116 -14.56 16.98 -26.28
CA TYR D 116 -14.11 18.02 -27.19
C TYR D 116 -12.58 18.20 -27.14
N LEU D 117 -11.98 17.88 -26.00
CA LEU D 117 -10.52 17.99 -25.82
C LEU D 117 -9.77 17.02 -26.73
N GLN D 118 -8.64 17.49 -27.24
CA GLN D 118 -7.73 16.67 -28.03
C GLN D 118 -6.34 17.26 -27.91
N PRO D 119 -5.55 16.75 -26.94
CA PRO D 119 -4.29 17.39 -26.66
C PRO D 119 -3.29 17.13 -27.79
N THR D 120 -2.26 17.96 -27.85
CA THR D 120 -1.25 17.78 -28.86
C THR D 120 0.13 17.73 -28.14
N LEU D 121 0.92 16.66 -28.64
CA LEU D 121 2.25 16.47 -28.07
C LEU D 121 3.14 17.73 -28.12
N PRO D 122 3.86 17.99 -27.00
CA PRO D 122 4.87 19.05 -26.86
C PRO D 122 5.95 18.96 -27.93
N PRO D 123 6.21 20.07 -28.63
CA PRO D 123 7.12 20.03 -29.79
C PRO D 123 8.48 19.42 -29.42
#